data_9V49
#
_entry.id   9V49
#
_cell.length_a   70.98
_cell.length_b   51.237
_cell.length_c   74.856
_cell.angle_alpha   90
_cell.angle_beta   113.404
_cell.angle_gamma   90
#
_symmetry.space_group_name_H-M   'P 1 21 1'
#
loop_
_entity.id
_entity.type
_entity.pdbx_description
1 polymer 'Beta-lactamase SME-1'
2 non-polymer '(1~{a}~{S},7~{b}~{R})-5-fluoranyl-2-oxidanyl-1~{a},7~{b}-dihydro-1~{H}-cyclopropa[c][1,2]benzoxaborinine-4-carboxylic acid'
3 non-polymer DI(HYDROXYETHYL)ETHER
4 non-polymer 'TETRAETHYLENE GLYCOL'
5 non-polymer 'CHLORIDE ION'
6 non-polymer 'SODIUM ION'
7 water water
#
_entity_poly.entity_id   1
_entity_poly.type   'polypeptide(L)'
_entity_poly.pdbx_seq_one_letter_code
;MGNKSDAAAKQIKKLEEDFDGRIGVFAIDTGSGNTFGYRSDERFPLCSSFKGFLAAAVLERVQQKKLDINQKVKYESRDL
EYHSPITTKYKGSGMTLGDMASAALQYSDNGATNIIMERFLGGPEGMTKFMRSIGDNEFRLDRWELELNTAIPGDKRDTS
TPKAVANSLNKLALGNVLNAKVKAIYQNWLKGNTTGDARIRASVPADWVVGDKTGSCGAYGTANDYAVIWPKNRAPLIVS
IYTTRKSKDDKHSDKTIAEASRIAIQAIDHHHHHH
;
_entity_poly.pdbx_strand_id   A,B
#
# COMPACT_ATOMS: atom_id res chain seq x y z
N ASN A 3 7.36 -5.87 26.29
CA ASN A 3 6.18 -6.79 26.36
C ASN A 3 4.83 -6.03 26.31
N LYS A 4 4.76 -4.83 26.94
CA LYS A 4 3.55 -3.99 26.97
C LYS A 4 3.27 -3.44 25.56
N SER A 5 4.30 -3.53 24.69
CA SER A 5 4.27 -3.18 23.29
C SER A 5 3.69 -4.33 22.45
N ASP A 6 4.07 -5.57 22.81
CA ASP A 6 3.58 -6.77 22.16
C ASP A 6 2.14 -7.04 22.55
N ALA A 7 1.79 -6.65 23.79
CA ALA A 7 0.44 -6.79 24.32
C ALA A 7 -0.50 -5.79 23.64
N ALA A 8 0.01 -4.57 23.44
CA ALA A 8 -0.72 -3.57 22.67
C ALA A 8 -0.96 -4.06 21.24
N ALA A 9 0.04 -4.65 20.61
CA ALA A 9 -0.11 -5.21 19.27
C ALA A 9 -1.22 -6.27 19.26
N LYS A 10 -1.22 -7.12 20.29
CA LYS A 10 -2.21 -8.18 20.42
C LYS A 10 -3.63 -7.61 20.53
N GLN A 11 -3.78 -6.51 21.27
CA GLN A 11 -5.08 -5.90 21.47
C GLN A 11 -5.58 -5.22 20.20
N ILE A 12 -4.69 -4.51 19.50
CA ILE A 12 -5.06 -3.89 18.24
C ILE A 12 -5.46 -4.99 17.25
N LYS A 13 -4.66 -6.05 17.15
CA LYS A 13 -5.01 -7.15 16.25
C LYS A 13 -6.39 -7.73 16.60
N LYS A 14 -6.73 -7.73 17.90
CA LYS A 14 -8.00 -8.35 18.26
C LYS A 14 -9.12 -7.41 17.83
N LEU A 15 -8.90 -6.12 18.08
CA LEU A 15 -9.90 -5.12 17.76
C LEU A 15 -10.09 -5.12 16.24
N GLU A 16 -9.00 -5.28 15.49
CA GLU A 16 -9.19 -5.22 14.04
C GLU A 16 -10.02 -6.42 13.55
N GLU A 17 -9.88 -7.59 14.19
CA GLU A 17 -10.62 -8.76 13.74
C GLU A 17 -12.09 -8.62 14.12
N ASP A 18 -12.28 -8.11 15.33
CA ASP A 18 -13.59 -7.89 15.91
C ASP A 18 -14.47 -7.13 14.94
N PHE A 19 -13.96 -6.09 14.27
CA PHE A 19 -14.74 -5.26 13.37
C PHE A 19 -14.42 -5.54 11.90
N ASP A 20 -13.58 -6.55 11.65
CA ASP A 20 -13.29 -7.04 10.32
C ASP A 20 -12.69 -5.94 9.46
N GLY A 21 -11.55 -5.42 9.89
CA GLY A 21 -10.90 -4.45 9.04
C GLY A 21 -9.47 -4.27 9.46
N ARG A 22 -9.00 -3.04 9.33
CA ARG A 22 -7.57 -2.87 9.44
C ARG A 22 -7.34 -1.58 10.22
N ILE A 23 -6.44 -1.66 11.21
CA ILE A 23 -6.14 -0.52 12.03
C ILE A 23 -4.63 -0.24 11.97
N GLY A 24 -4.34 1.05 11.82
CA GLY A 24 -2.98 1.54 11.95
C GLY A 24 -2.93 2.65 13.00
N VAL A 25 -1.85 2.62 13.78
CA VAL A 25 -1.65 3.46 14.94
C VAL A 25 -0.17 3.84 14.98
N PHE A 26 0.08 5.07 15.41
CA PHE A 26 1.38 5.48 15.88
C PHE A 26 1.19 6.51 16.98
N ALA A 27 1.90 6.34 18.10
CA ALA A 27 1.83 7.33 19.16
C ALA A 27 3.22 7.54 19.73
N ILE A 28 3.39 8.70 20.33
CA ILE A 28 4.65 9.22 20.83
C ILE A 28 4.31 9.89 22.15
N ASP A 29 5.10 9.58 23.19
CA ASP A 29 5.12 10.37 24.39
C ASP A 29 6.27 11.36 24.27
N THR A 30 5.98 12.66 24.25
CA THR A 30 7.05 13.59 23.92
C THR A 30 7.91 13.89 25.15
N GLY A 31 7.51 13.41 26.34
CA GLY A 31 8.33 13.48 27.53
C GLY A 31 9.47 12.47 27.53
N SER A 32 9.15 11.20 27.30
CA SER A 32 10.07 10.06 27.36
C SER A 32 10.68 9.76 25.99
N GLY A 33 9.98 10.13 24.93
CA GLY A 33 10.33 9.73 23.58
C GLY A 33 9.85 8.32 23.25
N ASN A 34 9.07 7.72 24.16
CA ASN A 34 8.45 6.41 23.96
C ASN A 34 7.53 6.41 22.74
N THR A 35 7.65 5.38 21.90
CA THR A 35 6.75 5.23 20.76
C THR A 35 6.06 3.87 20.73
N PHE A 36 4.90 3.83 20.06
CA PHE A 36 4.19 2.59 19.78
C PHE A 36 3.61 2.69 18.39
N GLY A 37 3.83 1.63 17.58
CA GLY A 37 3.32 1.59 16.22
C GLY A 37 2.71 0.24 15.89
N TYR A 38 1.63 0.27 15.11
CA TYR A 38 0.95 -0.92 14.65
C TYR A 38 0.55 -0.64 13.21
N ARG A 39 1.08 -1.47 12.30
CA ARG A 39 0.95 -1.23 10.88
C ARG A 39 1.23 0.24 10.55
N SER A 40 2.28 0.81 11.16
CA SER A 40 2.47 2.26 11.24
C SER A 40 3.13 2.76 9.95
N ASP A 41 3.62 1.80 9.14
CA ASP A 41 4.20 2.04 7.83
C ASP A 41 3.29 1.67 6.65
N GLU A 42 2.07 1.17 6.91
CA GLU A 42 1.12 0.82 5.86
C GLU A 42 0.34 2.08 5.48
N ARG A 43 -0.22 2.07 4.27
CA ARG A 43 -0.91 3.25 3.76
C ARG A 43 -2.40 3.17 4.07
N PHE A 44 -2.96 4.32 4.49
CA PHE A 44 -4.39 4.43 4.66
C PHE A 44 -4.90 5.70 3.97
N PRO A 45 -6.15 5.74 3.45
CA PRO A 45 -6.73 6.98 2.94
C PRO A 45 -6.73 8.06 4.04
N LEU A 46 -6.38 9.28 3.65
CA LEU A 46 -6.42 10.45 4.49
C LEU A 46 -7.85 10.90 4.77
N CYS A 47 -8.73 10.93 3.77
CA CYS A 47 -10.04 11.50 4.00
C CYS A 47 -9.84 12.95 4.41
N SER A 48 -10.78 13.52 5.15
CA SER A 48 -10.68 14.90 5.56
C SER A 48 -9.46 15.22 6.42
N SER A 49 -8.68 14.20 6.80
CA SER A 49 -7.65 14.42 7.81
C SER A 49 -6.55 15.36 7.31
N PHE A 50 -6.37 15.44 5.99
CA PHE A 50 -5.31 16.29 5.47
C PHE A 50 -5.65 17.74 5.72
N LYS A 51 -6.92 18.03 6.03
CA LYS A 51 -7.35 19.42 6.18
C LYS A 51 -6.66 20.05 7.38
N GLY A 52 -6.22 19.25 8.35
CA GLY A 52 -5.44 19.83 9.42
C GLY A 52 -4.07 20.34 8.94
N PHE A 53 -3.45 19.63 8.00
CA PHE A 53 -2.18 20.08 7.43
C PHE A 53 -2.41 21.25 6.46
N LEU A 54 -3.53 21.24 5.72
CA LEU A 54 -3.83 22.34 4.82
C LEU A 54 -3.89 23.67 5.59
N ALA A 55 -4.53 23.67 6.77
CA ALA A 55 -4.58 24.89 7.56
C ALA A 55 -3.19 25.25 8.10
N ALA A 56 -2.31 24.25 8.28
CA ALA A 56 -0.98 24.61 8.75
C ALA A 56 -0.19 25.26 7.61
N ALA A 57 -0.46 24.81 6.36
CA ALA A 57 0.16 25.41 5.19
C ALA A 57 -0.24 26.88 5.03
N VAL A 58 -1.51 27.16 5.28
CA VAL A 58 -2.03 28.52 5.17
C VAL A 58 -1.30 29.39 6.18
N LEU A 59 -1.24 28.89 7.42
CA LEU A 59 -0.58 29.55 8.54
C LEU A 59 0.93 29.80 8.27
N GLU A 60 1.60 28.86 7.57
CA GLU A 60 2.98 29.08 7.16
C GLU A 60 3.10 30.21 6.13
N ARG A 61 2.15 30.26 5.19
CA ARG A 61 2.14 31.33 4.19
C ARG A 61 1.88 32.69 4.87
N VAL A 62 0.97 32.73 5.84
CA VAL A 62 0.66 33.96 6.52
C VAL A 62 1.93 34.49 7.19
N GLN A 63 2.70 33.54 7.74
CA GLN A 63 3.89 33.82 8.54
C GLN A 63 5.02 34.31 7.65
N GLN A 64 5.13 33.77 6.44
CA GLN A 64 6.09 34.22 5.45
C GLN A 64 5.64 35.53 4.81
N LYS A 65 4.54 36.09 5.31
CA LYS A 65 3.89 37.31 4.83
C LYS A 65 3.48 37.19 3.36
N LYS A 66 3.25 35.95 2.87
CA LYS A 66 2.81 35.71 1.50
C LYS A 66 1.30 35.90 1.37
N LEU A 67 0.57 35.73 2.50
CA LEU A 67 -0.87 35.89 2.62
C LEU A 67 -1.16 36.65 3.92
N ASP A 68 -2.39 37.14 4.05
CA ASP A 68 -2.79 37.89 5.22
C ASP A 68 -3.96 37.11 5.80
N ILE A 69 -3.92 36.86 7.11
CA ILE A 69 -4.95 36.09 7.75
C ILE A 69 -6.30 36.80 7.67
N ASN A 70 -6.34 38.13 7.44
CA ASN A 70 -7.61 38.87 7.42
C ASN A 70 -8.09 39.20 5.99
N GLN A 71 -7.30 38.86 4.96
CA GLN A 71 -7.75 39.12 3.61
C GLN A 71 -9.09 38.40 3.38
N LYS A 72 -10.02 39.10 2.72
CA LYS A 72 -11.35 38.56 2.47
C LYS A 72 -11.20 37.56 1.33
N VAL A 73 -11.88 36.42 1.47
CA VAL A 73 -11.95 35.48 0.37
C VAL A 73 -13.39 35.45 -0.10
N LYS A 74 -13.61 35.81 -1.38
CA LYS A 74 -14.92 35.91 -2.01
C LYS A 74 -15.15 34.72 -2.96
N TYR A 75 -16.40 34.26 -3.02
CA TYR A 75 -16.87 33.07 -3.74
C TYR A 75 -18.40 33.07 -3.88
N GLU A 76 -18.95 34.27 -4.05
CA GLU A 76 -20.35 34.64 -4.30
C GLU A 76 -21.04 33.72 -5.33
N SER A 77 -20.31 33.19 -6.33
CA SER A 77 -20.93 32.47 -7.43
C SER A 77 -20.58 30.99 -7.40
N ARG A 78 -19.78 30.57 -6.42
CA ARG A 78 -19.31 29.19 -6.45
C ARG A 78 -20.49 28.25 -6.22
N ASP A 79 -20.52 27.16 -6.98
CA ASP A 79 -21.34 26.05 -6.55
C ASP A 79 -20.57 25.33 -5.46
N LEU A 80 -21.08 25.39 -4.22
CA LEU A 80 -20.41 24.86 -3.03
C LEU A 80 -20.55 23.34 -3.01
N GLU A 81 -19.41 22.67 -2.83
CA GLU A 81 -19.34 21.23 -2.75
C GLU A 81 -20.18 20.76 -1.58
N TYR A 82 -20.50 19.48 -1.59
CA TYR A 82 -21.28 18.93 -0.50
C TYR A 82 -20.45 19.02 0.78
N HIS A 83 -21.13 19.27 1.91
CA HIS A 83 -20.51 19.35 3.23
C HIS A 83 -19.60 20.57 3.25
N SER A 84 -20.23 21.71 2.94
CA SER A 84 -19.70 23.05 3.15
C SER A 84 -20.59 23.79 4.15
N PRO A 85 -20.65 23.31 5.41
CA PRO A 85 -21.63 23.85 6.37
C PRO A 85 -21.34 25.30 6.75
N ILE A 86 -20.05 25.65 6.73
CA ILE A 86 -19.63 26.97 7.14
C ILE A 86 -19.65 27.90 5.94
N THR A 87 -19.00 27.47 4.84
CA THR A 87 -18.82 28.35 3.70
C THR A 87 -20.20 28.69 3.10
N THR A 88 -21.17 27.76 3.21
CA THR A 88 -22.55 28.00 2.80
C THR A 88 -23.16 29.22 3.49
N LYS A 89 -23.05 29.35 4.81
CA LYS A 89 -23.66 30.47 5.53
C LYS A 89 -23.07 31.81 5.09
N TYR A 90 -21.78 31.84 4.69
CA TYR A 90 -21.07 33.11 4.46
C TYR A 90 -20.86 33.39 2.97
N LYS A 91 -21.47 32.58 2.11
CA LYS A 91 -21.34 32.70 0.68
C LYS A 91 -21.48 34.16 0.28
N GLY A 92 -22.51 34.83 0.83
CA GLY A 92 -22.88 36.16 0.37
C GLY A 92 -21.84 37.22 0.72
N SER A 93 -21.06 37.02 1.79
CA SER A 93 -20.22 38.11 2.31
C SER A 93 -18.72 37.81 2.24
N GLY A 94 -18.35 36.55 1.92
CA GLY A 94 -16.98 36.09 2.00
C GLY A 94 -16.60 35.71 3.44
N MET A 95 -15.37 35.20 3.61
CA MET A 95 -14.78 34.84 4.88
C MET A 95 -13.33 35.36 4.90
N THR A 96 -12.74 35.59 6.08
CA THR A 96 -11.33 35.90 6.08
C THR A 96 -10.58 34.61 5.70
N LEU A 97 -9.32 34.74 5.26
CA LEU A 97 -8.48 33.59 4.96
C LEU A 97 -8.41 32.71 6.21
N GLY A 98 -8.28 33.36 7.37
CA GLY A 98 -8.12 32.62 8.61
C GLY A 98 -9.37 31.82 8.98
N ASP A 99 -10.55 32.44 8.87
CA ASP A 99 -11.78 31.72 9.15
C ASP A 99 -11.96 30.59 8.12
N MET A 100 -11.61 30.84 6.89
CA MET A 100 -11.87 29.79 5.94
C MET A 100 -10.97 28.58 6.23
N ALA A 101 -9.70 28.82 6.63
CA ALA A 101 -8.77 27.73 6.89
C ALA A 101 -9.21 26.95 8.12
N SER A 102 -9.69 27.69 9.14
CA SER A 102 -10.10 27.05 10.37
C SER A 102 -11.43 26.34 10.17
N ALA A 103 -12.26 26.76 9.22
CA ALA A 103 -13.46 25.99 8.97
C ALA A 103 -13.14 24.68 8.25
N ALA A 104 -12.10 24.65 7.39
CA ALA A 104 -11.67 23.41 6.77
C ALA A 104 -11.27 22.44 7.88
N LEU A 105 -10.57 22.99 8.89
CA LEU A 105 -10.06 22.15 9.96
C LEU A 105 -11.24 21.66 10.80
N GLN A 106 -12.03 22.60 11.34
CA GLN A 106 -12.83 22.35 12.53
C GLN A 106 -14.19 21.79 12.18
N TYR A 107 -14.66 22.03 10.95
CA TYR A 107 -15.92 21.46 10.51
C TYR A 107 -15.73 20.54 9.30
N SER A 108 -14.48 20.39 8.84
CA SER A 108 -14.18 19.49 7.72
C SER A 108 -14.81 20.03 6.41
N ASP A 109 -15.06 21.35 6.36
CA ASP A 109 -15.72 22.06 5.25
C ASP A 109 -14.99 21.87 3.93
N ASN A 110 -15.71 21.30 2.94
CA ASN A 110 -15.14 20.96 1.64
C ASN A 110 -14.97 22.17 0.70
N GLY A 111 -15.88 23.13 0.81
CA GLY A 111 -15.75 24.33 0.01
C GLY A 111 -14.49 25.08 0.43
N ALA A 112 -14.34 25.28 1.77
CA ALA A 112 -13.14 25.87 2.34
C ALA A 112 -11.93 25.14 1.80
N THR A 113 -11.97 23.81 1.84
CA THR A 113 -10.83 23.00 1.45
C THR A 113 -10.43 23.28 -0.01
N ASN A 114 -11.40 23.13 -0.93
CA ASN A 114 -11.16 23.24 -2.36
C ASN A 114 -10.72 24.67 -2.75
N ILE A 115 -11.37 25.71 -2.17
CA ILE A 115 -11.06 27.08 -2.54
C ILE A 115 -9.62 27.39 -2.20
N ILE A 116 -9.21 27.03 -0.96
CA ILE A 116 -7.86 27.30 -0.52
C ILE A 116 -6.90 26.55 -1.43
N MET A 117 -7.23 25.30 -1.80
CA MET A 117 -6.26 24.61 -2.64
C MET A 117 -6.16 25.29 -4.01
N GLU A 118 -7.30 25.71 -4.59
CA GLU A 118 -7.21 26.35 -5.90
C GLU A 118 -6.43 27.66 -5.87
N ARG A 119 -6.66 28.53 -4.85
CA ARG A 119 -6.17 29.90 -4.88
C ARG A 119 -4.82 30.09 -4.17
N PHE A 120 -4.56 29.38 -3.07
CA PHE A 120 -3.42 29.68 -2.23
C PHE A 120 -2.32 28.61 -2.25
N LEU A 121 -2.68 27.35 -2.55
CA LEU A 121 -1.79 26.29 -2.13
C LEU A 121 -1.27 25.52 -3.33
N GLY A 122 -1.83 25.78 -4.51
CA GLY A 122 -1.35 25.11 -5.71
C GLY A 122 -1.92 23.70 -5.83
N GLY A 123 -3.18 23.48 -5.44
CA GLY A 123 -3.81 22.19 -5.70
C GLY A 123 -3.26 21.01 -4.87
N PRO A 124 -3.70 19.75 -5.14
CA PRO A 124 -3.21 18.59 -4.40
C PRO A 124 -1.70 18.45 -4.41
N GLU A 125 -1.08 18.93 -5.49
CA GLU A 125 0.38 18.81 -5.61
C GLU A 125 1.09 19.87 -4.77
N GLY A 126 0.50 21.07 -4.64
CA GLY A 126 1.06 22.03 -3.70
C GLY A 126 0.93 21.54 -2.26
N MET A 127 -0.20 20.90 -1.95
CA MET A 127 -0.43 20.34 -0.63
C MET A 127 0.62 19.26 -0.33
N THR A 128 0.75 18.26 -1.23
CA THR A 128 1.86 17.32 -1.18
C THR A 128 3.21 18.05 -1.06
N LYS A 129 3.42 19.12 -1.83
CA LYS A 129 4.75 19.75 -1.79
C LYS A 129 5.02 20.33 -0.42
N PHE A 130 3.96 20.86 0.22
CA PHE A 130 4.16 21.43 1.55
C PHE A 130 4.58 20.35 2.55
N MET A 131 4.03 19.13 2.41
CA MET A 131 4.41 18.04 3.29
C MET A 131 5.88 17.63 3.06
N ARG A 132 6.33 17.64 1.78
CA ARG A 132 7.73 17.39 1.49
C ARG A 132 8.59 18.44 2.18
N SER A 133 8.10 19.68 2.24
CA SER A 133 8.92 20.76 2.77
C SER A 133 9.15 20.57 4.27
N ILE A 134 8.32 19.74 4.92
CA ILE A 134 8.53 19.53 6.35
C ILE A 134 9.12 18.14 6.56
N GLY A 135 9.45 17.43 5.47
CA GLY A 135 10.20 16.21 5.66
C GLY A 135 9.28 14.99 5.66
N ASP A 136 8.06 15.16 5.17
CA ASP A 136 7.17 14.02 5.10
C ASP A 136 7.23 13.43 3.69
N ASN A 137 7.88 12.27 3.55
CA ASN A 137 8.02 11.55 2.28
C ASN A 137 6.82 10.61 2.01
N GLU A 138 5.93 10.44 3.00
CA GLU A 138 4.91 9.42 2.81
C GLU A 138 3.65 10.02 2.20
N PHE A 139 3.23 11.18 2.73
CA PHE A 139 1.96 11.81 2.37
C PHE A 139 1.87 12.05 0.87
N ARG A 140 0.74 11.64 0.23
CA ARG A 140 0.41 12.18 -1.09
C ARG A 140 -1.09 12.55 -1.15
N LEU A 141 -1.35 13.72 -1.74
CA LEU A 141 -2.71 14.10 -2.15
C LEU A 141 -2.74 14.21 -3.68
N ASP A 142 -3.71 13.54 -4.31
CA ASP A 142 -3.76 13.51 -5.77
C ASP A 142 -5.03 14.13 -6.34
N ARG A 143 -6.14 14.13 -5.59
CA ARG A 143 -7.46 14.51 -6.09
C ARG A 143 -8.05 15.65 -5.23
N TRP A 144 -9.18 16.20 -5.65
CA TRP A 144 -9.86 17.27 -4.94
C TRP A 144 -11.02 16.72 -4.12
N GLU A 145 -11.63 17.55 -3.28
CA GLU A 145 -12.86 17.11 -2.65
C GLU A 145 -13.90 16.99 -3.78
N LEU A 146 -14.76 15.95 -3.81
CA LEU A 146 -14.92 14.89 -2.83
C LEU A 146 -14.36 13.59 -3.42
N GLU A 147 -13.80 13.67 -4.63
CA GLU A 147 -13.34 12.47 -5.34
C GLU A 147 -12.18 11.82 -4.58
N LEU A 148 -11.51 12.58 -3.70
CA LEU A 148 -10.39 12.01 -2.94
C LEU A 148 -10.88 11.03 -1.87
N ASN A 149 -12.23 10.87 -1.66
CA ASN A 149 -12.74 10.04 -0.57
C ASN A 149 -13.01 8.60 -1.00
N THR A 150 -12.59 8.19 -2.21
CA THR A 150 -13.07 6.92 -2.70
C THR A 150 -12.58 5.74 -1.84
N ALA A 151 -11.41 5.81 -1.23
CA ALA A 151 -10.94 4.79 -0.29
C ALA A 151 -10.86 3.36 -0.87
N ILE A 152 -10.62 3.24 -2.18
CA ILE A 152 -10.53 1.94 -2.82
C ILE A 152 -9.39 1.14 -2.18
N PRO A 153 -9.60 -0.11 -1.69
CA PRO A 153 -8.49 -0.96 -1.26
C PRO A 153 -7.42 -1.11 -2.34
N GLY A 154 -6.15 -0.90 -1.94
CA GLY A 154 -4.95 -1.06 -2.78
C GLY A 154 -4.60 0.18 -3.60
N ASP A 155 -5.43 1.22 -3.47
CA ASP A 155 -5.20 2.48 -4.16
C ASP A 155 -4.29 3.38 -3.31
N LYS A 156 -3.24 3.94 -3.95
CA LYS A 156 -2.26 4.72 -3.20
C LYS A 156 -2.64 6.21 -3.19
N ARG A 157 -3.59 6.59 -4.03
CA ARG A 157 -3.80 8.02 -4.17
C ARG A 157 -4.35 8.56 -2.85
N ASP A 158 -3.92 9.74 -2.44
CA ASP A 158 -4.54 10.40 -1.31
C ASP A 158 -4.38 9.55 -0.05
N THR A 159 -3.13 9.21 0.27
CA THR A 159 -2.92 8.30 1.38
C THR A 159 -1.71 8.79 2.13
N SER A 160 -1.50 8.19 3.31
CA SER A 160 -0.30 8.42 4.09
C SER A 160 -0.11 7.22 5.01
N THR A 161 0.93 7.24 5.86
CA THR A 161 1.06 6.26 6.93
C THR A 161 0.75 6.90 8.28
N PRO A 162 0.26 6.11 9.25
CA PRO A 162 0.05 6.60 10.62
C PRO A 162 1.28 7.29 11.25
N LYS A 163 2.45 6.67 11.01
CA LYS A 163 3.71 7.19 11.54
C LYS A 163 4.03 8.56 10.92
N ALA A 164 3.85 8.68 9.60
CA ALA A 164 4.18 9.92 8.91
C ALA A 164 3.25 11.04 9.38
N VAL A 165 1.97 10.72 9.54
CA VAL A 165 0.98 11.66 10.00
C VAL A 165 1.41 12.12 11.39
N ALA A 166 1.79 11.17 12.25
CA ALA A 166 2.18 11.49 13.63
C ALA A 166 3.41 12.40 13.62
N ASN A 167 4.43 12.00 12.86
CA ASN A 167 5.61 12.84 12.74
C ASN A 167 5.21 14.25 12.34
N SER A 168 4.42 14.35 11.26
CA SER A 168 4.07 15.65 10.73
C SER A 168 3.35 16.52 11.77
N LEU A 169 2.37 15.95 12.47
CA LEU A 169 1.58 16.73 13.44
C LEU A 169 2.49 17.24 14.56
N ASN A 170 3.47 16.40 14.93
CA ASN A 170 4.46 16.74 15.96
C ASN A 170 5.28 17.95 15.53
N LYS A 171 5.77 17.92 14.28
CA LYS A 171 6.57 19.00 13.73
C LYS A 171 5.77 20.29 13.65
N LEU A 172 4.48 20.17 13.25
CA LEU A 172 3.63 21.32 13.01
C LEU A 172 3.01 21.83 14.32
N ALA A 173 2.59 20.92 15.17
CA ALA A 173 1.83 21.33 16.34
C ALA A 173 2.75 21.70 17.51
N LEU A 174 3.91 21.00 17.60
CA LEU A 174 4.74 21.07 18.79
C LEU A 174 6.11 21.67 18.47
N GLY A 175 6.59 21.44 17.24
CA GLY A 175 7.95 21.74 16.82
C GLY A 175 8.07 23.10 16.13
N ASN A 176 8.95 23.13 15.12
CA ASN A 176 9.66 24.35 14.76
C ASN A 176 9.20 25.05 13.47
N VAL A 177 8.27 24.47 12.69
CA VAL A 177 7.83 25.03 11.42
C VAL A 177 7.08 26.35 11.61
N LEU A 178 6.33 26.49 12.70
CA LEU A 178 5.50 27.67 12.86
C LEU A 178 6.10 28.47 14.01
N ASN A 179 6.12 29.80 13.90
CA ASN A 179 6.70 30.58 15.00
C ASN A 179 5.74 30.56 16.18
N ALA A 180 6.24 31.00 17.33
CA ALA A 180 5.53 31.11 18.60
C ALA A 180 4.06 31.53 18.43
N LYS A 181 3.83 32.73 17.90
CA LYS A 181 2.49 33.31 17.78
C LYS A 181 1.58 32.48 16.85
N VAL A 182 2.21 31.85 15.85
CA VAL A 182 1.44 31.24 14.79
C VAL A 182 1.05 29.82 15.22
N LYS A 183 1.96 29.16 15.96
CA LYS A 183 1.72 27.82 16.45
C LYS A 183 0.56 27.87 17.44
N ALA A 184 0.53 28.90 18.30
CA ALA A 184 -0.55 29.06 19.27
C ALA A 184 -1.91 29.05 18.55
N ILE A 185 -1.94 29.71 17.39
CA ILE A 185 -3.15 29.84 16.59
C ILE A 185 -3.59 28.47 16.07
N TYR A 186 -2.63 27.68 15.59
CA TYR A 186 -2.88 26.37 15.02
C TYR A 186 -3.34 25.42 16.12
N GLN A 187 -2.70 25.55 17.29
CA GLN A 187 -3.06 24.78 18.46
C GLN A 187 -4.52 25.05 18.82
N ASN A 188 -4.92 26.33 18.81
CA ASN A 188 -6.27 26.70 19.25
C ASN A 188 -7.25 26.22 18.18
N TRP A 189 -6.87 26.36 16.91
CA TRP A 189 -7.66 25.73 15.85
C TRP A 189 -7.92 24.23 16.11
N LEU A 190 -6.87 23.43 16.35
CA LEU A 190 -6.99 22.00 16.65
C LEU A 190 -7.84 21.75 17.92
N LYS A 191 -7.69 22.63 18.89
CA LYS A 191 -8.43 22.52 20.14
C LYS A 191 -9.93 22.67 19.95
N GLY A 192 -10.39 23.56 19.05
CA GLY A 192 -11.82 23.79 18.86
C GLY A 192 -12.39 22.96 17.70
N ASN A 193 -11.68 21.88 17.32
CA ASN A 193 -12.22 20.93 16.36
C ASN A 193 -13.56 20.41 16.86
N THR A 194 -14.58 20.34 15.98
CA THR A 194 -15.91 19.98 16.48
C THR A 194 -16.32 18.58 16.06
N THR A 195 -15.46 17.85 15.33
CA THR A 195 -16.02 16.63 14.75
C THR A 195 -15.45 15.37 15.39
N GLY A 196 -14.74 15.53 16.52
CA GLY A 196 -13.92 14.46 17.10
C GLY A 196 -14.27 14.03 18.52
N ASP A 197 -15.46 14.40 19.03
CA ASP A 197 -15.90 13.97 20.35
C ASP A 197 -15.96 12.44 20.52
N ALA A 198 -16.25 11.65 19.47
CA ALA A 198 -16.41 10.20 19.61
C ALA A 198 -15.11 9.43 19.35
N ARG A 199 -13.98 10.14 19.12
CA ARG A 199 -12.76 9.49 18.66
C ARG A 199 -11.65 9.58 19.70
N ILE A 200 -10.50 10.18 19.37
CA ILE A 200 -9.42 10.31 20.36
C ILE A 200 -9.88 10.99 21.66
N ARG A 201 -10.72 12.05 21.56
CA ARG A 201 -11.18 12.74 22.76
C ARG A 201 -11.89 11.76 23.68
N ALA A 202 -12.51 10.72 23.12
CA ALA A 202 -13.31 9.84 23.97
C ALA A 202 -12.41 8.86 24.71
N SER A 203 -11.14 8.82 24.33
CA SER A 203 -10.19 7.84 24.87
C SER A 203 -9.43 8.39 26.07
N VAL A 204 -9.76 9.60 26.56
CA VAL A 204 -8.84 10.29 27.46
C VAL A 204 -9.62 10.90 28.61
N PRO A 205 -9.07 10.92 29.84
CA PRO A 205 -9.66 11.69 30.94
C PRO A 205 -10.21 13.05 30.56
N ALA A 206 -11.23 13.42 31.32
CA ALA A 206 -12.13 14.54 31.09
C ALA A 206 -11.40 15.89 31.08
N ASP A 207 -10.26 16.02 31.78
CA ASP A 207 -9.73 17.37 31.91
C ASP A 207 -8.40 17.50 31.19
N TRP A 208 -8.04 16.46 30.43
CA TRP A 208 -6.99 16.59 29.44
C TRP A 208 -7.52 17.50 28.31
N VAL A 209 -6.61 18.33 27.77
CA VAL A 209 -6.87 19.18 26.64
C VAL A 209 -6.44 18.40 25.38
N VAL A 210 -7.27 18.48 24.33
CA VAL A 210 -7.09 17.70 23.10
C VAL A 210 -7.28 18.66 21.94
N GLY A 211 -6.38 18.62 20.96
CA GLY A 211 -6.61 19.22 19.65
C GLY A 211 -6.50 18.08 18.64
N ASP A 212 -7.41 18.02 17.65
CA ASP A 212 -7.44 16.87 16.76
C ASP A 212 -8.01 17.25 15.39
N LYS A 213 -7.80 16.36 14.43
CA LYS A 213 -8.50 16.49 13.17
C LYS A 213 -8.89 15.12 12.70
N THR A 214 -10.16 14.95 12.30
CA THR A 214 -10.73 13.67 11.93
C THR A 214 -10.70 13.53 10.41
N GLY A 215 -11.10 12.37 9.91
CA GLY A 215 -11.47 12.19 8.51
C GLY A 215 -12.50 11.07 8.42
N SER A 216 -13.46 11.19 7.51
CA SER A 216 -14.50 10.18 7.27
C SER A 216 -14.78 10.02 5.77
N CYS A 217 -14.24 8.97 5.14
CA CYS A 217 -14.34 8.79 3.69
C CYS A 217 -15.78 8.57 3.25
N GLY A 218 -16.58 7.91 4.09
CA GLY A 218 -17.93 7.48 3.74
C GLY A 218 -17.86 6.30 2.77
N ALA A 219 -16.71 5.63 2.66
CA ALA A 219 -16.67 4.41 1.89
C ALA A 219 -15.64 3.49 2.55
N TYR A 220 -15.95 2.18 2.54
CA TYR A 220 -15.02 1.16 3.00
C TYR A 220 -14.81 1.31 4.50
N GLY A 221 -15.86 1.80 5.16
CA GLY A 221 -15.76 2.14 6.57
C GLY A 221 -14.40 2.78 6.91
N THR A 222 -13.95 3.76 6.10
CA THR A 222 -12.66 4.40 6.30
C THR A 222 -12.80 5.68 7.14
N ALA A 223 -12.18 5.71 8.33
CA ALA A 223 -12.22 6.90 9.18
C ALA A 223 -10.90 7.02 9.92
N ASN A 224 -10.62 8.21 10.48
CA ASN A 224 -9.34 8.42 11.16
C ASN A 224 -9.45 9.66 12.05
N ASP A 225 -8.40 9.85 12.86
CA ASP A 225 -8.25 10.97 13.78
C ASP A 225 -6.77 11.02 14.16
N TYR A 226 -6.28 12.24 14.34
CA TYR A 226 -4.96 12.47 14.90
C TYR A 226 -5.09 13.62 15.89
N ALA A 227 -4.38 13.52 17.03
CA ALA A 227 -4.56 14.47 18.12
C ALA A 227 -3.20 14.79 18.72
N VAL A 228 -3.13 15.99 19.28
CA VAL A 228 -2.13 16.41 20.24
C VAL A 228 -2.89 16.45 21.56
N ILE A 229 -2.31 15.77 22.56
CA ILE A 229 -2.88 15.54 23.89
C ILE A 229 -1.97 16.15 24.93
N TRP A 230 -2.53 17.09 25.73
CA TRP A 230 -1.87 17.63 26.91
C TRP A 230 -2.48 17.01 28.17
N PRO A 231 -1.92 15.95 28.78
CA PRO A 231 -2.50 15.44 30.03
C PRO A 231 -2.13 16.50 31.07
N LYS A 232 -2.84 16.50 32.20
CA LYS A 232 -2.52 17.36 33.34
C LYS A 232 -1.06 17.15 33.77
N ASN A 233 -0.35 18.28 33.84
CA ASN A 233 1.01 18.42 34.34
C ASN A 233 1.91 17.29 33.81
N ARG A 234 1.99 17.18 32.47
CA ARG A 234 2.76 16.13 31.81
C ARG A 234 3.03 16.51 30.35
N ALA A 235 4.12 15.98 29.78
CA ALA A 235 4.47 16.30 28.40
C ALA A 235 3.37 15.80 27.45
N PRO A 236 3.10 16.52 26.32
CA PRO A 236 2.09 16.11 25.34
C PRO A 236 2.37 14.77 24.65
N LEU A 237 1.26 14.13 24.25
CA LEU A 237 1.22 12.89 23.48
C LEU A 237 0.80 13.22 22.05
N ILE A 238 1.31 12.42 21.10
CA ILE A 238 0.85 12.47 19.72
C ILE A 238 0.21 11.11 19.46
N VAL A 239 -1.04 11.14 18.98
CA VAL A 239 -1.79 9.92 18.68
C VAL A 239 -2.37 10.02 17.27
N SER A 240 -2.11 8.99 16.47
CA SER A 240 -2.55 8.95 15.10
C SER A 240 -3.18 7.59 14.82
N ILE A 241 -4.45 7.57 14.40
CA ILE A 241 -5.27 6.36 14.29
C ILE A 241 -6.04 6.38 12.97
N TYR A 242 -5.75 5.40 12.09
CA TYR A 242 -6.35 5.26 10.75
C TYR A 242 -7.01 3.89 10.64
N THR A 243 -8.19 3.83 10.02
CA THR A 243 -8.89 2.58 9.81
C THR A 243 -9.50 2.53 8.41
N THR A 244 -9.63 1.31 7.89
CA THR A 244 -10.38 0.95 6.69
C THR A 244 -11.15 -0.35 6.99
N ARG A 245 -12.14 -0.68 6.15
CA ARG A 245 -12.88 -1.91 6.37
C ARG A 245 -12.96 -2.64 5.05
N LYS A 246 -13.21 -3.98 5.12
CA LYS A 246 -13.20 -4.86 3.96
C LYS A 246 -14.09 -4.32 2.84
N SER A 247 -15.40 -4.14 3.12
CA SER A 247 -16.42 -3.98 2.08
C SER A 247 -16.84 -2.51 1.92
N LYS A 248 -17.23 -2.18 0.69
CA LYS A 248 -17.49 -0.82 0.25
C LYS A 248 -18.54 -0.16 1.14
N ASP A 249 -19.54 -0.95 1.59
CA ASP A 249 -20.71 -0.42 2.26
C ASP A 249 -20.53 -0.47 3.77
N ASP A 250 -19.33 -0.84 4.23
CA ASP A 250 -19.11 -0.85 5.67
C ASP A 250 -19.19 0.59 6.18
N LYS A 251 -19.60 0.70 7.43
CA LYS A 251 -19.74 1.99 8.06
C LYS A 251 -18.53 2.18 8.95
N HIS A 252 -18.13 3.45 9.17
CA HIS A 252 -16.94 3.66 9.95
C HIS A 252 -17.28 3.33 11.40
N SER A 253 -16.25 3.10 12.24
CA SER A 253 -16.40 2.77 13.65
C SER A 253 -15.68 3.77 14.57
N ASP A 254 -16.41 4.74 15.11
CA ASP A 254 -15.89 5.72 16.05
C ASP A 254 -15.32 5.03 17.30
N LYS A 255 -16.08 4.08 17.84
CA LYS A 255 -15.72 3.35 19.04
C LYS A 255 -14.45 2.55 18.80
N THR A 256 -14.26 1.98 17.60
CA THR A 256 -13.02 1.27 17.37
C THR A 256 -11.87 2.27 17.39
N ILE A 257 -12.08 3.43 16.76
CA ILE A 257 -11.04 4.45 16.83
C ILE A 257 -10.72 4.85 18.28
N ALA A 258 -11.74 5.00 19.13
CA ALA A 258 -11.50 5.49 20.48
C ALA A 258 -10.71 4.43 21.24
N GLU A 259 -11.08 3.17 21.01
CA GLU A 259 -10.45 2.08 21.71
C GLU A 259 -9.00 1.92 21.25
N ALA A 260 -8.80 2.00 19.92
CA ALA A 260 -7.44 1.92 19.39
C ALA A 260 -6.59 3.03 20.03
N SER A 261 -7.21 4.19 20.24
CA SER A 261 -6.53 5.27 20.96
C SER A 261 -6.16 4.86 22.39
N ARG A 262 -7.14 4.28 23.10
CA ARG A 262 -6.91 3.83 24.47
C ARG A 262 -5.74 2.87 24.54
N ILE A 263 -5.73 1.81 23.72
CA ILE A 263 -4.59 0.90 23.63
C ILE A 263 -3.28 1.65 23.33
N ALA A 264 -3.22 2.41 22.23
CA ALA A 264 -2.06 3.22 21.94
C ALA A 264 -1.60 4.01 23.18
N ILE A 265 -2.49 4.78 23.81
CA ILE A 265 -2.04 5.65 24.91
C ILE A 265 -1.42 4.83 26.06
N GLN A 266 -2.02 3.68 26.37
CA GLN A 266 -1.46 2.76 27.34
C GLN A 266 -0.04 2.28 26.96
N ALA A 267 0.17 1.95 25.68
CA ALA A 267 1.46 1.43 25.25
C ALA A 267 2.63 2.42 25.48
N ILE A 268 2.37 3.73 25.58
CA ILE A 268 3.50 4.66 25.61
C ILE A 268 3.74 5.18 27.03
N ASP A 269 2.76 4.92 27.89
CA ASP A 269 2.56 5.45 29.23
C ASP A 269 3.62 4.90 30.19
N ASN B 3 18.31 -36.65 5.85
CA ASN B 3 17.03 -36.92 6.55
C ASN B 3 15.97 -35.96 5.98
N LYS B 4 15.93 -34.71 6.49
CA LYS B 4 14.85 -33.76 6.26
C LYS B 4 14.56 -33.62 4.76
N SER B 5 15.64 -33.62 3.97
CA SER B 5 15.59 -33.44 2.53
C SER B 5 14.87 -34.61 1.83
N ASP B 6 15.19 -35.86 2.21
CA ASP B 6 14.53 -37.02 1.63
C ASP B 6 13.08 -37.11 2.08
N ALA B 7 12.80 -36.62 3.29
CA ALA B 7 11.46 -36.81 3.83
C ALA B 7 10.53 -35.90 3.03
N ALA B 8 11.01 -34.68 2.80
CA ALA B 8 10.21 -33.63 2.20
C ALA B 8 9.91 -34.03 0.76
N ALA B 9 10.86 -34.74 0.14
CA ALA B 9 10.64 -35.34 -1.17
C ALA B 9 9.49 -36.35 -1.16
N LYS B 10 9.52 -37.31 -0.24
CA LYS B 10 8.43 -38.29 -0.10
C LYS B 10 7.08 -37.57 0.02
N GLN B 11 7.03 -36.50 0.81
CA GLN B 11 5.82 -35.73 1.04
C GLN B 11 5.34 -35.06 -0.26
N ILE B 12 6.21 -34.37 -1.01
CA ILE B 12 5.76 -33.70 -2.23
C ILE B 12 5.31 -34.75 -3.22
N LYS B 13 6.06 -35.86 -3.31
CA LYS B 13 5.77 -36.96 -4.24
C LYS B 13 4.39 -37.55 -3.96
N LYS B 14 4.03 -37.67 -2.68
CA LYS B 14 2.70 -38.18 -2.42
C LYS B 14 1.63 -37.13 -2.75
N LEU B 15 1.89 -35.87 -2.41
CA LEU B 15 0.99 -34.78 -2.74
C LEU B 15 0.72 -34.78 -4.25
N GLU B 16 1.76 -35.00 -5.05
CA GLU B 16 1.55 -34.94 -6.49
C GLU B 16 0.71 -36.13 -6.97
N GLU B 17 0.84 -37.29 -6.32
CA GLU B 17 0.03 -38.47 -6.63
C GLU B 17 -1.42 -38.25 -6.19
N ASP B 18 -1.57 -37.66 -5.01
CA ASP B 18 -2.87 -37.31 -4.49
C ASP B 18 -3.74 -36.59 -5.52
N PHE B 19 -3.23 -35.54 -6.16
CA PHE B 19 -4.06 -34.74 -7.05
C PHE B 19 -3.70 -34.99 -8.51
N ASP B 20 -2.87 -36.01 -8.76
CA ASP B 20 -2.61 -36.57 -10.06
C ASP B 20 -1.99 -35.50 -10.96
N GLY B 21 -0.82 -35.02 -10.57
CA GLY B 21 -0.14 -34.05 -11.41
C GLY B 21 1.32 -34.01 -10.99
N ARG B 22 1.94 -32.84 -11.21
CA ARG B 22 3.35 -32.61 -11.02
C ARG B 22 3.52 -31.33 -10.17
N ILE B 23 4.35 -31.42 -9.11
CA ILE B 23 4.74 -30.27 -8.32
C ILE B 23 6.24 -30.05 -8.46
N GLY B 24 6.63 -28.78 -8.65
CA GLY B 24 8.02 -28.32 -8.68
C GLY B 24 8.30 -27.28 -7.58
N VAL B 25 9.36 -27.52 -6.81
CA VAL B 25 9.61 -26.71 -5.63
C VAL B 25 11.07 -26.30 -5.63
N PHE B 26 11.34 -25.06 -5.21
CA PHE B 26 12.68 -24.69 -4.78
C PHE B 26 12.59 -23.65 -3.69
N ALA B 27 13.40 -23.82 -2.64
CA ALA B 27 13.32 -22.90 -1.53
C ALA B 27 14.71 -22.59 -1.00
N ILE B 28 14.91 -21.35 -0.53
CA ILE B 28 16.21 -20.92 -0.04
C ILE B 28 15.99 -20.24 1.30
N ASP B 29 16.79 -20.63 2.30
CA ASP B 29 16.89 -19.76 3.46
C ASP B 29 18.08 -18.84 3.21
N THR B 30 17.87 -17.52 3.13
CA THR B 30 18.99 -16.63 2.80
C THR B 30 19.93 -16.42 3.99
N GLY B 31 19.41 -16.64 5.21
CA GLY B 31 20.17 -16.60 6.46
C GLY B 31 21.19 -17.75 6.61
N SER B 32 20.87 -18.93 6.07
CA SER B 32 21.68 -20.12 6.30
C SER B 32 22.33 -20.58 5.00
N GLY B 33 21.71 -20.30 3.84
CA GLY B 33 22.12 -20.93 2.59
C GLY B 33 21.50 -22.30 2.34
N ASN B 34 20.72 -22.84 3.28
CA ASN B 34 20.01 -24.09 3.04
C ASN B 34 19.02 -23.97 1.87
N THR B 35 19.05 -24.97 0.98
CA THR B 35 18.10 -25.04 -0.10
C THR B 35 17.34 -26.37 -0.08
N PHE B 36 16.15 -26.38 -0.68
CA PHE B 36 15.41 -27.62 -0.91
C PHE B 36 14.91 -27.61 -2.36
N GLY B 37 14.98 -28.76 -3.03
CA GLY B 37 14.52 -28.84 -4.41
C GLY B 37 13.78 -30.14 -4.69
N TYR B 38 12.62 -30.01 -5.35
CA TYR B 38 11.88 -31.15 -5.86
C TYR B 38 11.50 -30.80 -7.30
N ARG B 39 12.01 -31.61 -8.24
CA ARG B 39 11.88 -31.38 -9.67
C ARG B 39 12.29 -29.95 -10.02
N SER B 40 13.33 -29.42 -9.34
CA SER B 40 13.65 -27.99 -9.41
C SER B 40 14.28 -27.61 -10.74
N ASP B 41 14.63 -28.61 -11.58
CA ASP B 41 15.21 -28.38 -12.90
C ASP B 41 14.26 -28.70 -14.05
N GLU B 42 13.04 -29.18 -13.77
CA GLU B 42 12.06 -29.41 -14.83
C GLU B 42 11.27 -28.13 -15.11
N ARG B 43 10.67 -28.12 -16.32
CA ARG B 43 9.98 -27.00 -16.94
C ARG B 43 8.51 -27.03 -16.56
N PHE B 44 8.00 -25.87 -16.16
CA PHE B 44 6.61 -25.68 -15.77
C PHE B 44 6.16 -24.41 -16.47
N PRO B 45 4.90 -24.31 -16.99
CA PRO B 45 4.43 -23.05 -17.56
C PRO B 45 4.57 -21.93 -16.53
N LEU B 46 4.88 -20.71 -16.99
CA LEU B 46 5.01 -19.58 -16.10
C LEU B 46 3.65 -18.97 -15.77
N CYS B 47 2.72 -18.98 -16.74
CA CYS B 47 1.46 -18.29 -16.55
C CYS B 47 1.76 -16.82 -16.16
N SER B 48 0.89 -16.21 -15.33
CA SER B 48 1.08 -14.81 -15.01
C SER B 48 2.34 -14.55 -14.22
N SER B 49 3.01 -15.61 -13.75
CA SER B 49 4.06 -15.38 -12.77
C SER B 49 5.21 -14.53 -13.36
N PHE B 50 5.35 -14.43 -14.69
CA PHE B 50 6.45 -13.63 -15.22
C PHE B 50 6.15 -12.13 -15.11
N LYS B 51 4.90 -11.78 -14.82
CA LYS B 51 4.50 -10.38 -14.65
C LYS B 51 5.31 -9.70 -13.55
N GLY B 52 5.71 -10.51 -12.56
CA GLY B 52 6.49 -10.01 -11.44
C GLY B 52 7.92 -9.66 -11.86
N PHE B 53 8.47 -10.38 -12.85
CA PHE B 53 9.79 -10.07 -13.39
C PHE B 53 9.65 -8.91 -14.37
N LEU B 54 8.55 -8.88 -15.11
CA LEU B 54 8.34 -7.82 -16.06
C LEU B 54 8.26 -6.48 -15.30
N ALA B 55 7.78 -6.50 -14.05
CA ALA B 55 7.63 -5.25 -13.32
C ALA B 55 9.01 -4.79 -12.87
N ALA B 56 9.91 -5.79 -12.67
CA ALA B 56 11.29 -5.54 -12.27
C ALA B 56 12.07 -4.92 -13.42
N ALA B 57 11.83 -5.45 -14.64
CA ALA B 57 12.48 -5.04 -15.87
C ALA B 57 12.16 -3.57 -16.15
N VAL B 58 10.90 -3.18 -15.90
CA VAL B 58 10.45 -1.79 -16.01
C VAL B 58 11.27 -0.93 -15.06
N LEU B 59 11.33 -1.39 -13.80
CA LEU B 59 12.05 -0.67 -12.76
C LEU B 59 13.52 -0.51 -13.15
N GLU B 60 14.09 -1.52 -13.82
CA GLU B 60 15.45 -1.46 -14.29
C GLU B 60 15.58 -0.36 -15.35
N ARG B 61 14.59 -0.29 -16.25
CA ARG B 61 14.61 0.71 -17.30
C ARG B 61 14.59 2.10 -16.66
N VAL B 62 13.81 2.28 -15.59
CA VAL B 62 13.70 3.55 -14.90
C VAL B 62 15.06 3.93 -14.30
N GLN B 63 15.74 2.93 -13.74
CA GLN B 63 17.01 3.10 -13.06
C GLN B 63 18.10 3.47 -14.08
N GLN B 64 18.11 2.81 -15.24
CA GLN B 64 19.02 3.15 -16.32
C GLN B 64 18.66 4.49 -16.97
N LYS B 65 17.54 5.13 -16.56
CA LYS B 65 17.06 6.42 -17.03
C LYS B 65 16.48 6.32 -18.43
N LYS B 66 16.20 5.10 -18.89
CA LYS B 66 15.61 4.88 -20.21
C LYS B 66 14.16 5.35 -20.19
N LEU B 67 13.50 5.19 -19.05
CA LEU B 67 12.11 5.62 -18.87
C LEU B 67 11.99 6.38 -17.56
N ASP B 68 10.84 7.01 -17.34
CA ASP B 68 10.53 7.73 -16.11
C ASP B 68 9.30 7.09 -15.48
N ILE B 69 9.35 6.87 -14.17
CA ILE B 69 8.30 6.16 -13.46
C ILE B 69 6.97 6.93 -13.47
N ASN B 70 6.95 8.24 -13.76
CA ASN B 70 5.68 8.95 -13.70
C ASN B 70 5.19 9.34 -15.09
N GLN B 71 5.87 8.83 -16.12
CA GLN B 71 5.47 9.15 -17.49
C GLN B 71 4.07 8.57 -17.74
N LYS B 72 3.22 9.37 -18.42
CA LYS B 72 1.85 8.97 -18.65
C LYS B 72 1.88 7.98 -19.82
N VAL B 73 1.16 6.86 -19.70
CA VAL B 73 1.00 5.86 -20.76
C VAL B 73 -0.47 5.83 -21.22
N LYS B 74 -0.74 6.29 -22.46
CA LYS B 74 -2.10 6.50 -22.94
C LYS B 74 -2.44 5.34 -23.89
N TYR B 75 -3.69 4.84 -23.81
CA TYR B 75 -4.15 3.64 -24.52
C TYR B 75 -5.67 3.75 -24.74
N GLU B 76 -6.11 4.99 -25.00
CA GLU B 76 -7.47 5.48 -25.08
C GLU B 76 -8.28 4.67 -26.11
N SER B 77 -7.58 3.98 -27.03
CA SER B 77 -8.23 3.42 -28.19
C SER B 77 -8.09 1.91 -28.22
N ARG B 78 -7.33 1.36 -27.26
CA ARG B 78 -6.86 0.00 -27.32
C ARG B 78 -8.00 -0.95 -26.94
N ASP B 79 -8.08 -2.09 -27.62
CA ASP B 79 -8.96 -3.17 -27.21
C ASP B 79 -8.30 -4.02 -26.11
N LEU B 80 -8.73 -3.80 -24.87
CA LEU B 80 -8.03 -4.33 -23.72
C LEU B 80 -8.26 -5.83 -23.62
N GLU B 81 -7.17 -6.58 -23.47
CA GLU B 81 -7.26 -8.03 -23.25
C GLU B 81 -8.15 -8.35 -22.04
N TYR B 82 -8.68 -9.56 -22.04
CA TYR B 82 -9.42 -10.16 -20.94
C TYR B 82 -8.56 -10.18 -19.67
N HIS B 83 -9.24 -9.90 -18.54
CA HIS B 83 -8.62 -9.74 -17.23
C HIS B 83 -7.66 -8.55 -17.28
N SER B 84 -8.24 -7.39 -17.57
CA SER B 84 -7.53 -6.14 -17.43
C SER B 84 -8.23 -5.29 -16.38
N PRO B 85 -8.37 -5.73 -15.11
CA PRO B 85 -9.15 -4.97 -14.12
C PRO B 85 -8.73 -3.53 -13.90
N ILE B 86 -7.43 -3.27 -13.88
CA ILE B 86 -6.99 -1.93 -13.50
C ILE B 86 -6.89 -1.05 -14.75
N THR B 87 -6.29 -1.58 -15.82
CA THR B 87 -6.17 -0.81 -17.02
C THR B 87 -7.54 -0.33 -17.53
N THR B 88 -8.59 -1.16 -17.36
CA THR B 88 -9.92 -0.91 -17.87
C THR B 88 -10.44 0.38 -17.24
N LYS B 89 -10.27 0.48 -15.91
CA LYS B 89 -10.83 1.60 -15.16
C LYS B 89 -10.10 2.91 -15.50
N TYR B 90 -8.87 2.83 -16.04
CA TYR B 90 -8.06 4.03 -16.28
C TYR B 90 -7.92 4.36 -17.77
N LYS B 91 -8.76 3.77 -18.63
CA LYS B 91 -8.54 3.83 -20.07
C LYS B 91 -8.76 5.24 -20.63
N GLY B 92 -9.76 5.92 -20.06
CA GLY B 92 -10.05 7.34 -20.23
C GLY B 92 -8.84 8.26 -20.04
N SER B 93 -8.00 8.03 -19.02
CA SER B 93 -6.97 8.99 -18.65
C SER B 93 -5.54 8.49 -18.91
N GLY B 94 -5.34 7.18 -19.08
CA GLY B 94 -4.00 6.60 -19.06
C GLY B 94 -3.55 6.36 -17.61
N MET B 95 -2.36 5.77 -17.41
CA MET B 95 -1.77 5.62 -16.08
C MET B 95 -0.29 6.02 -16.14
N THR B 96 0.33 6.30 -14.99
CA THR B 96 1.78 6.35 -14.98
C THR B 96 2.35 4.96 -15.32
N LEU B 97 3.60 4.92 -15.75
CA LEU B 97 4.32 3.68 -16.03
C LEU B 97 4.49 2.86 -14.75
N GLY B 98 4.79 3.55 -13.63
CA GLY B 98 4.94 2.87 -12.33
C GLY B 98 3.66 2.14 -11.93
N ASP B 99 2.51 2.80 -12.07
CA ASP B 99 1.26 2.24 -11.63
C ASP B 99 0.82 1.14 -12.59
N MET B 100 1.23 1.24 -13.85
CA MET B 100 0.85 0.24 -14.81
C MET B 100 1.65 -1.04 -14.52
N ALA B 101 2.94 -0.86 -14.22
CA ALA B 101 3.82 -1.99 -13.90
C ALA B 101 3.33 -2.74 -12.66
N SER B 102 2.98 -1.98 -11.58
CA SER B 102 2.45 -2.58 -10.37
C SER B 102 1.07 -3.18 -10.58
N ALA B 103 0.34 -2.71 -11.61
CA ALA B 103 -0.95 -3.34 -11.89
C ALA B 103 -0.74 -4.71 -12.52
N ALA B 104 0.24 -4.81 -13.43
CA ALA B 104 0.54 -6.11 -14.03
C ALA B 104 0.95 -7.09 -12.94
N LEU B 105 1.67 -6.57 -11.93
CA LEU B 105 2.14 -7.43 -10.85
C LEU B 105 0.97 -7.79 -9.93
N GLN B 106 0.37 -6.77 -9.31
CA GLN B 106 -0.47 -6.96 -8.15
C GLN B 106 -1.88 -7.44 -8.53
N TYR B 107 -2.29 -7.23 -9.78
CA TYR B 107 -3.58 -7.79 -10.17
C TYR B 107 -3.46 -8.72 -11.38
N SER B 108 -2.24 -8.95 -11.85
CA SER B 108 -2.12 -9.84 -12.98
C SER B 108 -2.72 -9.22 -14.26
N ASP B 109 -2.76 -7.88 -14.33
CA ASP B 109 -3.45 -7.14 -15.38
C ASP B 109 -2.83 -7.40 -16.76
N ASN B 110 -3.64 -7.94 -17.67
CA ASN B 110 -3.13 -8.39 -18.96
C ASN B 110 -2.95 -7.25 -19.96
N GLY B 111 -3.79 -6.21 -19.83
CA GLY B 111 -3.64 -5.01 -20.61
C GLY B 111 -2.31 -4.35 -20.29
N ALA B 112 -2.03 -4.22 -18.98
CA ALA B 112 -0.81 -3.59 -18.51
C ALA B 112 0.38 -4.38 -19.05
N THR B 113 0.30 -5.72 -18.90
CA THR B 113 1.31 -6.64 -19.43
C THR B 113 1.62 -6.35 -20.90
N ASN B 114 0.62 -6.48 -21.78
CA ASN B 114 0.86 -6.44 -23.21
C ASN B 114 1.37 -5.06 -23.66
N ILE B 115 0.78 -3.98 -23.10
CA ILE B 115 1.21 -2.63 -23.40
C ILE B 115 2.67 -2.48 -23.00
N ILE B 116 3.01 -2.86 -21.77
CA ILE B 116 4.36 -2.65 -21.32
C ILE B 116 5.30 -3.38 -22.27
N MET B 117 4.96 -4.64 -22.61
CA MET B 117 5.84 -5.44 -23.46
C MET B 117 6.02 -4.84 -24.84
N GLU B 118 4.97 -4.16 -25.36
CA GLU B 118 5.02 -3.67 -26.72
C GLU B 118 5.81 -2.36 -26.82
N ARG B 119 5.67 -1.47 -25.83
CA ARG B 119 6.23 -0.14 -25.96
C ARG B 119 7.61 -0.06 -25.31
N PHE B 120 7.89 -0.84 -24.26
CA PHE B 120 9.04 -0.53 -23.42
C PHE B 120 10.12 -1.63 -23.42
N LEU B 121 9.69 -2.87 -23.70
CA LEU B 121 10.44 -4.02 -23.23
C LEU B 121 10.87 -4.92 -24.40
N GLY B 122 10.37 -4.67 -25.62
CA GLY B 122 10.81 -5.43 -26.79
C GLY B 122 10.09 -6.77 -26.90
N GLY B 123 8.84 -6.81 -26.39
CA GLY B 123 7.96 -7.98 -26.50
C GLY B 123 8.45 -9.18 -25.70
N PRO B 124 7.85 -10.38 -25.90
CA PRO B 124 8.43 -11.64 -25.45
C PRO B 124 9.94 -11.86 -25.45
N GLU B 125 10.58 -11.52 -26.57
CA GLU B 125 12.03 -11.72 -26.59
C GLU B 125 12.77 -10.73 -25.70
N GLY B 126 12.32 -9.47 -25.61
CA GLY B 126 12.97 -8.51 -24.72
C GLY B 126 12.88 -8.91 -23.24
N MET B 127 11.72 -9.45 -22.83
CA MET B 127 11.48 -10.01 -21.51
C MET B 127 12.49 -11.11 -21.19
N THR B 128 12.57 -12.12 -22.08
CA THR B 128 13.58 -13.17 -22.02
C THR B 128 14.98 -12.56 -21.98
N LYS B 129 15.30 -11.63 -22.90
CA LYS B 129 16.60 -10.95 -22.83
C LYS B 129 16.86 -10.31 -21.47
N PHE B 130 15.88 -9.60 -20.87
CA PHE B 130 16.05 -9.09 -19.51
C PHE B 130 16.49 -10.21 -18.55
N MET B 131 15.80 -11.38 -18.62
CA MET B 131 16.09 -12.47 -17.69
C MET B 131 17.49 -13.01 -17.95
N ARG B 132 17.89 -13.16 -19.23
CA ARG B 132 19.26 -13.57 -19.55
C ARG B 132 20.25 -12.58 -18.96
N SER B 133 19.89 -11.30 -19.00
CA SER B 133 20.84 -10.28 -18.56
C SER B 133 21.14 -10.38 -17.05
N ILE B 134 20.31 -11.08 -16.24
CA ILE B 134 20.59 -11.22 -14.80
C ILE B 134 21.15 -12.61 -14.53
N GLY B 135 21.36 -13.43 -15.58
CA GLY B 135 22.02 -14.71 -15.39
C GLY B 135 21.02 -15.84 -15.16
N ASP B 136 19.85 -15.75 -15.83
CA ASP B 136 18.81 -16.78 -15.81
C ASP B 136 18.75 -17.41 -17.19
N ASN B 137 19.29 -18.61 -17.32
CA ASN B 137 19.32 -19.23 -18.64
C ASN B 137 18.13 -20.17 -18.88
N GLU B 138 17.24 -20.36 -17.88
CA GLU B 138 16.11 -21.25 -18.09
C GLU B 138 14.88 -20.54 -18.64
N PHE B 139 14.63 -19.31 -18.16
CA PHE B 139 13.41 -18.58 -18.40
C PHE B 139 13.22 -18.33 -19.90
N ARG B 140 12.01 -18.61 -20.38
CA ARG B 140 11.62 -18.26 -21.74
C ARG B 140 10.15 -17.81 -21.75
N LEU B 141 9.98 -16.64 -22.35
CA LEU B 141 8.67 -16.19 -22.78
C LEU B 141 8.65 -16.17 -24.31
N ASP B 142 7.63 -16.81 -24.89
CA ASP B 142 7.55 -17.01 -26.33
C ASP B 142 6.43 -16.17 -26.93
N ARG B 143 5.30 -16.11 -26.21
CA ARG B 143 4.05 -15.58 -26.73
C ARG B 143 3.62 -14.40 -25.87
N TRP B 144 2.57 -13.69 -26.32
CA TRP B 144 1.90 -12.61 -25.61
C TRP B 144 0.70 -13.18 -24.83
N GLU B 145 0.12 -12.33 -23.96
CA GLU B 145 -1.15 -12.66 -23.31
C GLU B 145 -2.21 -12.60 -24.41
N LEU B 146 -3.17 -13.56 -24.46
CA LEU B 146 -3.41 -14.64 -23.51
C LEU B 146 -3.00 -16.01 -24.06
N GLU B 147 -2.27 -16.03 -25.19
N GLU B 147 -2.26 -16.05 -25.17
CA GLU B 147 -1.80 -17.26 -25.82
CA GLU B 147 -1.87 -17.33 -25.76
C GLU B 147 -0.78 -17.98 -24.94
C GLU B 147 -0.79 -18.02 -24.92
N LEU B 148 -0.03 -17.24 -24.11
CA LEU B 148 1.05 -17.83 -23.34
C LEU B 148 0.53 -18.72 -22.19
N ASN B 149 -0.81 -18.82 -22.03
CA ASN B 149 -1.41 -19.59 -20.95
C ASN B 149 -1.90 -20.96 -21.39
N THR B 150 -1.66 -21.36 -22.63
CA THR B 150 -2.22 -22.63 -23.08
C THR B 150 -1.78 -23.79 -22.19
N ALA B 151 -0.58 -23.75 -21.64
CA ALA B 151 -0.15 -24.80 -20.71
C ALA B 151 -0.22 -26.22 -21.30
N ILE B 152 0.06 -26.39 -22.60
CA ILE B 152 -0.06 -27.73 -23.20
C ILE B 152 1.02 -28.66 -22.61
N PRO B 153 0.66 -29.90 -22.19
CA PRO B 153 1.67 -30.89 -21.75
C PRO B 153 2.69 -31.08 -22.88
N GLY B 154 3.98 -31.18 -22.53
CA GLY B 154 5.08 -31.29 -23.48
C GLY B 154 5.49 -29.96 -24.13
N ASP B 155 4.78 -28.83 -23.85
CA ASP B 155 5.15 -27.62 -24.57
C ASP B 155 6.21 -26.88 -23.76
N LYS B 156 7.31 -26.48 -24.41
CA LYS B 156 8.33 -25.73 -23.67
C LYS B 156 8.16 -24.22 -23.78
N ARG B 157 7.33 -23.74 -24.69
CA ARG B 157 7.17 -22.28 -24.76
C ARG B 157 6.69 -21.78 -23.39
N ASP B 158 7.25 -20.68 -22.90
CA ASP B 158 6.69 -19.88 -21.79
C ASP B 158 6.79 -20.66 -20.47
N THR B 159 7.98 -21.23 -20.21
CA THR B 159 8.25 -22.06 -19.06
C THR B 159 9.52 -21.55 -18.44
N SER B 160 9.76 -22.01 -17.21
CA SER B 160 11.05 -21.87 -16.57
C SER B 160 11.08 -23.04 -15.61
N THR B 161 12.07 -23.08 -14.72
CA THR B 161 12.16 -24.15 -13.74
C THR B 161 11.99 -23.49 -12.38
N PRO B 162 11.57 -24.27 -11.35
CA PRO B 162 11.39 -23.68 -10.02
C PRO B 162 12.66 -23.03 -9.47
N LYS B 163 13.80 -23.63 -9.79
CA LYS B 163 15.09 -23.17 -9.25
C LYS B 163 15.48 -21.84 -9.88
N ALA B 164 15.35 -21.80 -11.22
CA ALA B 164 15.69 -20.58 -11.92
C ALA B 164 14.80 -19.42 -11.41
N VAL B 165 13.53 -19.70 -11.14
CA VAL B 165 12.60 -18.66 -10.71
C VAL B 165 12.98 -18.15 -9.33
N ALA B 166 13.23 -19.08 -8.38
CA ALA B 166 13.72 -18.78 -7.04
C ALA B 166 15.00 -17.94 -7.11
N ASN B 167 16.01 -18.44 -7.86
CA ASN B 167 17.25 -17.69 -8.00
C ASN B 167 16.96 -16.30 -8.50
N SER B 168 16.22 -16.19 -9.62
CA SER B 168 15.98 -14.90 -10.23
C SER B 168 15.32 -13.93 -9.24
N LEU B 169 14.28 -14.36 -8.52
CA LEU B 169 13.57 -13.51 -7.57
C LEU B 169 14.50 -13.12 -6.41
N ASN B 170 15.47 -14.01 -6.11
CA ASN B 170 16.42 -13.67 -5.05
C ASN B 170 17.27 -12.48 -5.48
N LYS B 171 17.79 -12.58 -6.72
CA LYS B 171 18.56 -11.53 -7.35
C LYS B 171 17.78 -10.21 -7.37
N LEU B 172 16.50 -10.26 -7.74
CA LEU B 172 15.78 -9.05 -8.03
C LEU B 172 15.32 -8.43 -6.72
N ALA B 173 14.75 -9.23 -5.82
CA ALA B 173 14.16 -8.73 -4.59
C ALA B 173 15.21 -8.51 -3.50
N LEU B 174 16.25 -9.35 -3.45
CA LEU B 174 17.20 -9.24 -2.35
C LEU B 174 18.59 -8.81 -2.86
N GLY B 175 18.93 -9.15 -4.10
CA GLY B 175 20.25 -8.83 -4.63
C GLY B 175 20.41 -7.38 -5.07
N ASN B 176 21.31 -7.17 -6.04
CA ASN B 176 21.84 -5.84 -6.34
C ASN B 176 21.59 -5.48 -7.82
N VAL B 177 20.55 -6.07 -8.43
CA VAL B 177 20.23 -5.68 -9.79
C VAL B 177 19.61 -4.29 -9.74
N LEU B 178 18.75 -4.08 -8.73
CA LEU B 178 18.08 -2.80 -8.50
C LEU B 178 18.84 -2.11 -7.37
N ASN B 179 19.08 -0.79 -7.53
CA ASN B 179 19.70 -0.04 -6.46
C ASN B 179 18.77 0.00 -5.25
N ALA B 180 19.22 0.59 -4.15
CA ALA B 180 18.52 0.46 -2.88
C ALA B 180 17.13 1.08 -2.92
N LYS B 181 16.99 2.21 -3.63
CA LYS B 181 15.71 2.92 -3.75
C LYS B 181 14.75 2.11 -4.61
N VAL B 182 15.30 1.48 -5.65
CA VAL B 182 14.44 0.95 -6.67
C VAL B 182 13.98 -0.41 -6.21
N LYS B 183 14.87 -1.08 -5.47
CA LYS B 183 14.60 -2.37 -4.82
C LYS B 183 13.45 -2.23 -3.81
N ALA B 184 13.44 -1.14 -3.04
CA ALA B 184 12.41 -0.89 -2.05
C ALA B 184 11.03 -0.86 -2.71
N ILE B 185 10.92 -0.18 -3.85
CA ILE B 185 9.67 -0.09 -4.59
C ILE B 185 9.21 -1.48 -5.06
N TYR B 186 10.10 -2.23 -5.72
CA TYR B 186 9.78 -3.56 -6.18
C TYR B 186 9.27 -4.42 -5.02
N GLN B 187 10.00 -4.43 -3.88
CA GLN B 187 9.55 -5.05 -2.65
C GLN B 187 8.15 -4.58 -2.24
N ASN B 188 7.88 -3.26 -2.21
CA ASN B 188 6.51 -2.79 -1.90
C ASN B 188 5.47 -3.36 -2.86
N TRP B 189 5.79 -3.35 -4.16
CA TRP B 189 4.93 -3.99 -5.15
C TRP B 189 4.63 -5.46 -4.80
N LEU B 190 5.65 -6.24 -4.47
CA LEU B 190 5.45 -7.66 -4.15
C LEU B 190 4.64 -7.83 -2.87
N LYS B 191 4.93 -6.98 -1.88
CA LYS B 191 4.20 -7.01 -0.64
C LYS B 191 2.72 -6.82 -0.93
N GLY B 192 2.36 -5.97 -1.89
CA GLY B 192 0.97 -5.54 -2.08
C GLY B 192 0.13 -6.42 -3.02
N ASN B 193 0.70 -7.56 -3.46
CA ASN B 193 0.04 -8.43 -4.41
C ASN B 193 -1.29 -8.92 -3.83
N THR B 194 -2.34 -8.94 -4.66
CA THR B 194 -3.70 -9.13 -4.18
C THR B 194 -4.25 -10.53 -4.46
N THR B 195 -3.54 -11.35 -5.24
CA THR B 195 -4.06 -12.61 -5.75
C THR B 195 -3.46 -13.86 -5.07
N GLY B 196 -2.66 -13.71 -3.99
CA GLY B 196 -1.86 -14.83 -3.50
C GLY B 196 -2.27 -15.33 -2.12
N ASP B 197 -3.49 -14.98 -1.66
CA ASP B 197 -3.94 -15.25 -0.30
C ASP B 197 -4.10 -16.74 0.00
N ALA B 198 -4.31 -17.57 -1.03
CA ALA B 198 -4.60 -18.99 -0.85
C ALA B 198 -3.39 -19.86 -1.24
N ARG B 199 -2.23 -19.23 -1.42
CA ARG B 199 -1.05 -19.99 -1.88
C ARG B 199 0.04 -19.91 -0.80
N ILE B 200 1.24 -19.38 -1.16
CA ILE B 200 2.35 -19.27 -0.22
C ILE B 200 1.95 -18.49 1.05
N ARG B 201 1.19 -17.38 0.92
CA ARG B 201 0.74 -16.61 2.08
C ARG B 201 0.01 -17.50 3.13
N ALA B 202 -0.77 -18.49 2.68
CA ALA B 202 -1.54 -19.35 3.56
C ALA B 202 -0.64 -20.40 4.22
N SER B 203 0.65 -20.41 3.87
CA SER B 203 1.51 -21.43 4.42
C SER B 203 2.41 -20.90 5.55
N VAL B 204 2.23 -19.65 6.00
CA VAL B 204 3.21 -19.03 6.88
C VAL B 204 2.43 -18.30 7.97
N PRO B 205 3.00 -18.08 9.18
CA PRO B 205 2.31 -17.28 10.22
C PRO B 205 1.98 -15.89 9.71
N ALA B 206 0.75 -15.45 9.96
CA ALA B 206 0.17 -14.22 9.41
C ALA B 206 0.91 -12.95 9.86
N ASP B 207 1.90 -13.06 10.76
CA ASP B 207 2.67 -11.88 11.11
C ASP B 207 3.97 -11.81 10.30
N TRP B 208 4.29 -12.86 9.55
CA TRP B 208 5.40 -12.79 8.61
C TRP B 208 5.00 -11.90 7.43
N VAL B 209 5.95 -11.11 6.94
CA VAL B 209 5.70 -10.30 5.75
C VAL B 209 6.07 -11.15 4.52
N VAL B 210 5.14 -11.15 3.53
CA VAL B 210 5.30 -11.81 2.24
C VAL B 210 5.05 -10.82 1.09
N GLY B 211 5.89 -10.93 0.05
CA GLY B 211 5.70 -10.35 -1.26
C GLY B 211 5.72 -11.52 -2.23
N ASP B 212 4.75 -11.58 -3.18
CA ASP B 212 4.64 -12.74 -4.06
C ASP B 212 4.01 -12.35 -5.38
N LYS B 213 4.16 -13.25 -6.37
CA LYS B 213 3.41 -13.18 -7.61
C LYS B 213 2.93 -14.59 -7.96
N THR B 214 1.64 -14.70 -8.26
CA THR B 214 0.97 -15.95 -8.60
C THR B 214 0.94 -16.10 -10.11
N GLY B 215 0.57 -17.29 -10.57
CA GLY B 215 0.17 -17.46 -11.96
C GLY B 215 -0.96 -18.49 -12.04
N SER B 216 -2.01 -18.21 -12.85
CA SER B 216 -3.06 -19.21 -13.12
C SER B 216 -3.34 -19.32 -14.62
N CYS B 217 -2.86 -20.40 -15.23
CA CYS B 217 -3.00 -20.59 -16.66
C CYS B 217 -4.46 -20.79 -17.04
N GLY B 218 -5.26 -21.40 -16.17
CA GLY B 218 -6.65 -21.77 -16.43
C GLY B 218 -6.76 -22.96 -17.39
N ALA B 219 -5.79 -23.86 -17.39
CA ALA B 219 -5.83 -25.04 -18.26
C ALA B 219 -4.84 -26.05 -17.69
N TYR B 220 -5.19 -27.34 -17.73
CA TYR B 220 -4.24 -28.37 -17.33
C TYR B 220 -3.93 -28.17 -15.85
N GLY B 221 -4.87 -27.53 -15.17
CA GLY B 221 -4.78 -27.33 -13.73
C GLY B 221 -3.44 -26.71 -13.33
N THR B 222 -2.90 -25.83 -14.18
CA THR B 222 -1.54 -25.34 -14.07
C THR B 222 -1.57 -24.02 -13.29
N ALA B 223 -0.89 -23.94 -12.13
CA ALA B 223 -0.85 -22.69 -11.38
C ALA B 223 0.40 -22.62 -10.51
N ASN B 224 0.80 -21.40 -10.08
CA ASN B 224 2.07 -21.27 -9.38
C ASN B 224 2.07 -20.08 -8.43
N ASP B 225 3.19 -19.93 -7.69
CA ASP B 225 3.46 -18.77 -6.84
C ASP B 225 4.94 -18.80 -6.48
N TYR B 226 5.56 -17.63 -6.49
CA TYR B 226 6.84 -17.43 -5.87
C TYR B 226 6.71 -16.28 -4.86
N ALA B 227 7.52 -16.33 -3.79
CA ALA B 227 7.49 -15.31 -2.74
C ALA B 227 8.88 -15.08 -2.18
N VAL B 228 9.08 -13.87 -1.68
CA VAL B 228 10.05 -13.56 -0.65
C VAL B 228 9.28 -13.42 0.66
N ILE B 229 9.80 -14.05 1.72
CA ILE B 229 9.16 -14.08 3.03
C ILE B 229 10.18 -13.53 4.04
N TRP B 230 9.80 -12.46 4.76
CA TRP B 230 10.51 -11.93 5.91
C TRP B 230 9.92 -12.49 7.20
N PRO B 231 10.46 -13.55 7.84
CA PRO B 231 9.93 -13.99 9.14
C PRO B 231 10.21 -12.91 10.17
N LYS B 232 9.47 -12.94 11.28
CA LYS B 232 9.83 -12.18 12.48
C LYS B 232 11.20 -12.72 12.93
N ASN B 233 12.20 -11.81 13.00
CA ASN B 233 13.58 -12.01 13.49
C ASN B 233 14.34 -13.16 12.83
N ARG B 234 14.32 -13.23 11.50
CA ARG B 234 15.21 -14.11 10.74
C ARG B 234 15.50 -13.44 9.39
N ALA B 235 16.56 -13.93 8.72
CA ALA B 235 16.87 -13.58 7.34
C ALA B 235 15.70 -14.02 6.45
N PRO B 236 15.43 -13.35 5.30
CA PRO B 236 14.33 -13.77 4.41
C PRO B 236 14.44 -15.14 3.73
N LEU B 237 13.30 -15.76 3.43
CA LEU B 237 13.21 -17.04 2.72
C LEU B 237 12.80 -16.72 1.29
N ILE B 238 13.23 -17.57 0.33
CA ILE B 238 12.67 -17.49 -1.01
C ILE B 238 11.96 -18.83 -1.22
N VAL B 239 10.71 -18.79 -1.67
CA VAL B 239 10.00 -20.02 -2.03
C VAL B 239 9.41 -19.88 -3.45
N SER B 240 9.53 -20.97 -4.22
CA SER B 240 9.03 -21.04 -5.58
C SER B 240 8.27 -22.36 -5.78
N ILE B 241 6.98 -22.32 -6.19
CA ILE B 241 6.14 -23.52 -6.29
C ILE B 241 5.42 -23.54 -7.65
N TYR B 242 5.65 -24.58 -8.48
CA TYR B 242 4.99 -24.72 -9.78
C TYR B 242 4.17 -26.03 -9.81
N THR B 243 2.99 -26.05 -10.47
CA THR B 243 2.15 -27.24 -10.55
C THR B 243 1.48 -27.29 -11.93
N THR B 244 1.31 -28.52 -12.44
CA THR B 244 0.54 -28.88 -13.62
C THR B 244 -0.35 -30.09 -13.29
N ARG B 245 -1.41 -30.32 -14.06
CA ARG B 245 -2.22 -31.51 -13.86
C ARG B 245 -2.39 -32.20 -15.21
N LYS B 246 -2.74 -33.50 -15.17
CA LYS B 246 -2.77 -34.40 -16.33
C LYS B 246 -3.73 -33.90 -17.41
N SER B 247 -5.00 -33.59 -17.08
CA SER B 247 -6.03 -33.38 -18.10
C SER B 247 -6.43 -31.91 -18.24
N LYS B 248 -6.82 -31.53 -19.46
CA LYS B 248 -7.12 -30.16 -19.84
C LYS B 248 -8.13 -29.51 -18.89
N ASP B 249 -9.09 -30.28 -18.38
CA ASP B 249 -10.20 -29.72 -17.62
C ASP B 249 -9.89 -29.62 -16.13
N ASP B 250 -8.78 -30.24 -15.72
CA ASP B 250 -8.38 -30.18 -14.33
C ASP B 250 -8.28 -28.72 -13.93
N LYS B 251 -8.77 -28.44 -12.72
CA LYS B 251 -8.69 -27.11 -12.14
C LYS B 251 -7.43 -27.08 -11.29
N HIS B 252 -6.87 -25.89 -11.08
CA HIS B 252 -5.63 -25.78 -10.35
C HIS B 252 -5.98 -25.96 -8.88
N SER B 253 -4.97 -26.19 -8.03
CA SER B 253 -5.21 -26.54 -6.64
C SER B 253 -4.47 -25.58 -5.70
N ASP B 254 -5.15 -24.55 -5.20
CA ASP B 254 -4.55 -23.56 -4.30
C ASP B 254 -3.97 -24.23 -3.05
N LYS B 255 -4.73 -25.19 -2.53
CA LYS B 255 -4.41 -25.90 -1.31
C LYS B 255 -3.16 -26.74 -1.55
N THR B 256 -3.05 -27.34 -2.75
CA THR B 256 -1.87 -28.12 -3.05
C THR B 256 -0.63 -27.21 -3.03
N ILE B 257 -0.76 -26.00 -3.60
CA ILE B 257 0.35 -25.05 -3.61
C ILE B 257 0.74 -24.70 -2.17
N ALA B 258 -0.26 -24.36 -1.34
CA ALA B 258 0.02 -23.98 0.04
C ALA B 258 0.74 -25.11 0.78
N GLU B 259 0.28 -26.36 0.57
CA GLU B 259 0.85 -27.49 1.29
C GLU B 259 2.31 -27.69 0.88
N ALA B 260 2.56 -27.64 -0.42
CA ALA B 260 3.91 -27.84 -0.91
C ALA B 260 4.86 -26.75 -0.38
N SER B 261 4.37 -25.53 -0.20
CA SER B 261 5.17 -24.43 0.34
C SER B 261 5.41 -24.67 1.83
N ARG B 262 4.35 -25.17 2.49
CA ARG B 262 4.47 -25.60 3.87
C ARG B 262 5.60 -26.62 3.99
N ILE B 263 5.60 -27.66 3.15
CA ILE B 263 6.59 -28.72 3.21
C ILE B 263 7.97 -28.13 2.96
N ALA B 264 8.06 -27.23 1.96
CA ALA B 264 9.31 -26.67 1.47
C ALA B 264 9.97 -25.81 2.54
N ILE B 265 9.14 -25.05 3.27
CA ILE B 265 9.63 -24.18 4.34
C ILE B 265 10.21 -25.02 5.47
N GLN B 266 9.54 -26.13 5.80
CA GLN B 266 10.05 -27.07 6.77
C GLN B 266 11.40 -27.61 6.33
N ALA B 267 11.50 -28.03 5.06
CA ALA B 267 12.73 -28.67 4.58
C ALA B 267 13.96 -27.76 4.74
N ILE B 268 13.84 -26.42 4.59
CA ILE B 268 15.04 -25.61 4.63
C ILE B 268 15.33 -25.08 6.04
N ASP B 269 14.42 -25.36 6.98
CA ASP B 269 14.38 -24.66 8.27
C ASP B 269 15.39 -25.27 9.25
#